data_1W0N
#
_entry.id   1W0N
#
_cell.length_a   30.529
_cell.length_b   40.187
_cell.length_c   81.200
_cell.angle_alpha   90.00
_cell.angle_beta   90.00
_cell.angle_gamma   90.00
#
_symmetry.space_group_name_H-M   'P 21 21 21'
#
loop_
_entity.id
_entity.type
_entity.pdbx_description
1 polymer 'ENDO-1,4-BETA-XYLANASE D'
2 non-polymer 'CALCIUM ION'
3 non-polymer 'MAGNESIUM ION'
4 non-polymer 'SULFATE ION'
5 water water
#
_entity_poly.entity_id   1
_entity_poly.type   'polypeptide(L)'
_entity_poly.pdbx_seq_one_letter_code
;WQFTPNTGGNTITKVEAENMKIGGTYAGKISAPFDGVALYANADYVSYSQYFANSTHNISVRGASSNAGTAKVDLVIGGV
TVGSFNFTGKTPTVQTLSNITHATGDQEIKLALTSDDGTWDAYVDFIEFSL
;
_entity_poly.pdbx_strand_id   A
#
# COMPACT_ATOMS: atom_id res chain seq x y z
N ILE A 12 8.06 13.58 8.14
N ILE A 12 9.11 13.21 7.35
CA ILE A 12 7.19 12.41 7.71
CA ILE A 12 7.91 12.35 7.11
C ILE A 12 6.38 12.79 6.46
C ILE A 12 7.02 12.85 5.92
N THR A 13 6.43 11.93 5.43
N THR A 13 6.71 11.95 5.00
CA THR A 13 5.67 12.20 4.19
CA THR A 13 5.82 12.20 3.89
C THR A 13 4.55 11.21 4.15
C THR A 13 4.61 11.27 4.03
N LYS A 14 3.35 11.73 4.13
CA LYS A 14 2.13 10.93 4.12
C LYS A 14 1.40 11.20 2.84
N VAL A 15 0.99 10.13 2.15
CA VAL A 15 0.20 10.24 0.93
C VAL A 15 -1.04 9.37 1.10
N GLU A 16 -2.21 9.99 0.89
CA GLU A 16 -3.48 9.28 1.00
C GLU A 16 -3.69 8.40 -0.22
N ALA A 17 -4.13 7.15 0.00
CA ALA A 17 -4.35 6.24 -1.12
C ALA A 17 -5.36 6.80 -2.12
N GLU A 18 -6.39 7.47 -1.59
CA GLU A 18 -7.45 8.01 -2.41
C GLU A 18 -6.97 9.17 -3.31
N ASN A 19 -5.75 9.66 -3.10
CA ASN A 19 -5.16 10.67 -3.96
C ASN A 19 -4.16 10.11 -4.98
N MET A 20 -3.98 8.80 -4.99
CA MET A 20 -3.07 8.12 -5.91
C MET A 20 -3.78 7.76 -7.20
N LYS A 21 -3.00 7.33 -8.19
CA LYS A 21 -3.56 6.72 -9.38
C LYS A 21 -4.12 5.34 -8.99
N ILE A 22 -5.33 5.04 -9.45
CA ILE A 22 -6.02 3.80 -9.14
C ILE A 22 -6.17 3.05 -10.43
N GLY A 23 -5.73 1.79 -10.47
CA GLY A 23 -5.86 0.99 -11.66
C GLY A 23 -6.28 -0.41 -11.37
N GLY A 24 -6.56 -1.13 -12.45
CA GLY A 24 -7.04 -2.50 -12.41
C GLY A 24 -8.52 -2.62 -12.67
N THR A 25 -8.99 -3.85 -12.76
CA THR A 25 -10.37 -4.15 -13.07
C THR A 25 -11.34 -3.68 -12.01
N TYR A 26 -10.97 -3.81 -10.75
CA TYR A 26 -11.95 -3.66 -9.68
C TYR A 26 -11.64 -2.50 -8.73
N ALA A 27 -10.39 -2.05 -8.64
CA ALA A 27 -10.01 -1.12 -7.58
C ALA A 27 -10.80 0.17 -7.68
N GLY A 28 -11.10 0.75 -6.52
CA GLY A 28 -11.81 2.01 -6.47
C GLY A 28 -11.76 2.63 -5.11
N LYS A 29 -12.06 3.93 -5.07
CA LYS A 29 -12.14 4.67 -3.84
C LYS A 29 -13.21 4.10 -2.93
N ILE A 30 -12.92 4.11 -1.63
CA ILE A 30 -13.83 3.68 -0.59
C ILE A 30 -13.96 4.77 0.46
N SER A 31 -15.07 4.68 1.21
CA SER A 31 -15.30 5.51 2.37
C SER A 31 -15.33 4.72 3.68
N ALA A 32 -15.51 3.41 3.61
CA ALA A 32 -15.48 2.53 4.78
C ALA A 32 -14.47 1.41 4.47
N PRO A 33 -13.68 1.01 5.47
CA PRO A 33 -13.67 1.47 6.86
C PRO A 33 -12.86 2.76 7.11
N PHE A 34 -12.49 3.44 6.02
CA PHE A 34 -11.86 4.76 6.05
C PHE A 34 -11.93 5.26 4.62
N ASP A 35 -11.60 6.56 4.43
CA ASP A 35 -11.41 7.07 3.09
C ASP A 35 -10.10 6.51 2.55
N GLY A 36 -10.17 5.83 1.42
CA GLY A 36 -9.01 5.12 0.91
C GLY A 36 -9.34 4.46 -0.38
N VAL A 37 -8.66 3.34 -0.68
CA VAL A 37 -8.87 2.58 -1.88
C VAL A 37 -8.93 1.10 -1.50
N ALA A 38 -9.80 0.35 -2.19
CA ALA A 38 -9.85 -1.10 -2.04
C ALA A 38 -9.17 -1.77 -3.24
N LEU A 39 -8.46 -2.86 -2.92
CA LEU A 39 -7.77 -3.73 -3.87
C LEU A 39 -8.38 -5.13 -3.71
N TYR A 40 -8.84 -5.70 -4.83
CA TYR A 40 -9.63 -6.93 -4.79
C TYR A 40 -9.03 -8.10 -5.53
N ALA A 41 -8.24 -7.85 -6.56
CA ALA A 41 -7.76 -8.90 -7.43
C ALA A 41 -6.39 -8.55 -7.95
N ASN A 42 -5.67 -9.49 -8.50
N ASN A 42 -5.87 -9.57 -8.73
CA ASN A 42 -4.29 -9.26 -8.83
CA ASN A 42 -4.80 -9.43 -9.68
C ASN A 42 -3.74 -7.98 -9.57
C ASN A 42 -5.12 -8.22 -10.54
N ALA A 43 -4.22 -7.42 -10.67
CA ALA A 43 -4.09 -6.27 -11.54
C ALA A 43 -4.59 -4.99 -10.90
N ASP A 44 -5.26 -5.06 -9.71
CA ASP A 44 -5.59 -3.85 -8.99
C ASP A 44 -4.35 -3.22 -8.40
N TYR A 45 -4.28 -1.89 -8.37
CA TYR A 45 -3.16 -1.22 -7.72
C TYR A 45 -3.53 0.22 -7.42
N VAL A 46 -2.72 0.82 -6.51
CA VAL A 46 -2.61 2.27 -6.42
C VAL A 46 -1.15 2.63 -6.60
N SER A 47 -0.88 3.77 -7.23
CA SER A 47 0.50 4.19 -7.44
C SER A 47 0.64 5.68 -7.53
N TYR A 48 1.85 6.17 -7.26
CA TYR A 48 2.18 7.56 -7.49
C TYR A 48 3.71 7.65 -7.55
N SER A 49 4.22 8.80 -7.99
CA SER A 49 5.65 9.02 -8.08
C SER A 49 6.15 9.81 -6.90
N GLN A 50 7.18 9.28 -6.23
CA GLN A 50 7.79 9.90 -5.06
C GLN A 50 9.24 10.23 -5.34
N TYR A 51 9.67 11.46 -5.02
CA TYR A 51 11.07 11.82 -5.07
C TYR A 51 11.72 11.48 -3.74
N PHE A 52 12.89 10.83 -3.79
CA PHE A 52 13.67 10.50 -2.62
C PHE A 52 15.06 11.11 -2.68
N ALA A 53 15.47 11.76 -1.60
CA ALA A 53 16.87 12.15 -1.41
C ALA A 53 17.69 11.04 -0.74
N ASN A 54 17.06 10.24 0.13
CA ASN A 54 17.73 9.20 0.90
C ASN A 54 17.38 7.84 0.32
N SER A 55 18.34 6.91 0.42
CA SER A 55 18.13 5.54 -0.07
C SER A 55 17.43 4.60 0.91
N THR A 56 17.21 4.97 2.16
CA THR A 56 16.56 4.06 3.10
C THR A 56 15.49 4.78 3.90
N HIS A 57 14.32 4.11 4.01
CA HIS A 57 13.19 4.62 4.75
C HIS A 57 12.50 3.52 5.55
N ASN A 58 11.79 3.97 6.58
CA ASN A 58 10.73 3.19 7.20
C ASN A 58 9.44 3.56 6.51
N ILE A 59 8.60 2.54 6.25
CA ILE A 59 7.38 2.74 5.51
C ILE A 59 6.22 2.11 6.27
N SER A 60 5.18 2.91 6.55
CA SER A 60 4.00 2.40 7.21
C SER A 60 2.78 2.62 6.31
N VAL A 61 1.85 1.67 6.39
CA VAL A 61 0.57 1.78 5.69
C VAL A 61 -0.51 1.44 6.71
N ARG A 62 -1.55 2.31 6.77
CA ARG A 62 -2.74 1.97 7.53
C ARG A 62 -3.71 1.26 6.57
N GLY A 63 -4.18 0.10 6.99
CA GLY A 63 -5.02 -0.72 6.14
C GLY A 63 -5.88 -1.66 6.96
N ALA A 64 -6.71 -2.43 6.24
CA ALA A 64 -7.58 -3.41 6.87
C ALA A 64 -7.90 -4.49 5.86
N SER A 65 -8.40 -5.62 6.36
CA SER A 65 -8.91 -6.68 5.52
C SER A 65 -10.43 -6.55 5.35
N SER A 66 -10.93 -7.07 4.23
CA SER A 66 -12.35 -7.22 4.02
C SER A 66 -13.00 -8.24 4.93
N ASN A 67 -12.18 -9.11 5.54
CA ASN A 67 -12.70 -10.23 6.31
C ASN A 67 -11.91 -10.38 7.61
N ALA A 68 -12.35 -11.34 8.45
CA ALA A 68 -11.63 -11.63 9.66
C ALA A 68 -10.20 -12.09 9.39
N GLY A 69 -9.98 -12.74 8.26
CA GLY A 69 -8.68 -13.25 7.91
C GLY A 69 -7.78 -12.24 7.21
N THR A 70 -6.76 -12.77 6.53
CA THR A 70 -5.63 -11.98 6.10
C THR A 70 -5.78 -11.46 4.68
N ALA A 71 -5.41 -10.17 4.53
CA ALA A 71 -5.16 -9.56 3.23
C ALA A 71 -3.70 -9.11 3.23
N LYS A 72 -3.00 -9.36 2.15
CA LYS A 72 -1.59 -8.99 2.04
C LYS A 72 -1.40 -8.05 0.87
N VAL A 73 -0.60 -7.00 1.11
CA VAL A 73 -0.36 -5.94 0.15
C VAL A 73 1.15 -5.79 -0.09
N ASP A 74 1.57 -6.01 -1.33
CA ASP A 74 2.96 -5.75 -1.71
C ASP A 74 3.22 -4.27 -1.85
N LEU A 75 4.39 -3.86 -1.40
CA LEU A 75 4.93 -2.53 -1.65
C LEU A 75 6.02 -2.65 -2.71
N VAL A 76 5.84 -1.90 -3.79
CA VAL A 76 6.76 -1.91 -4.92
C VAL A 76 7.34 -0.49 -5.01
N ILE A 77 8.66 -0.38 -4.97
CA ILE A 77 9.34 0.92 -5.11
C ILE A 77 10.28 0.79 -6.29
N GLY A 78 10.08 1.63 -7.30
CA GLY A 78 10.90 1.57 -8.47
C GLY A 78 10.92 0.22 -9.13
N GLY A 79 9.78 -0.46 -9.11
CA GLY A 79 9.64 -1.77 -9.69
C GLY A 79 10.11 -2.94 -8.85
N VAL A 80 10.69 -2.66 -7.69
CA VAL A 80 11.17 -3.70 -6.80
C VAL A 80 10.13 -3.96 -5.73
N THR A 81 9.70 -5.21 -5.58
CA THR A 81 8.82 -5.56 -4.45
C THR A 81 9.70 -5.66 -3.22
N VAL A 82 9.54 -4.70 -2.31
CA VAL A 82 10.44 -4.55 -1.16
C VAL A 82 9.93 -5.26 0.08
N GLY A 83 8.67 -5.68 0.08
CA GLY A 83 8.07 -6.36 1.21
C GLY A 83 6.56 -6.33 1.06
N SER A 84 5.89 -6.96 2.03
CA SER A 84 4.45 -7.04 2.04
C SER A 84 3.88 -6.71 3.40
N PHE A 85 2.81 -5.93 3.43
CA PHE A 85 2.08 -5.63 4.62
C PHE A 85 0.96 -6.65 4.82
N ASN A 86 0.81 -7.09 6.07
CA ASN A 86 -0.23 -8.04 6.46
C ASN A 86 -1.31 -7.31 7.24
N PHE A 87 -2.51 -7.22 6.64
CA PHE A 87 -3.68 -6.70 7.34
C PHE A 87 -4.63 -7.86 7.58
N THR A 88 -4.65 -8.34 8.83
CA THR A 88 -5.55 -9.40 9.23
C THR A 88 -6.66 -8.81 10.08
N GLY A 89 -7.89 -9.11 9.69
CA GLY A 89 -9.04 -8.64 10.43
C GLY A 89 -9.59 -7.32 9.92
N LYS A 90 -10.82 -7.06 10.33
CA LYS A 90 -11.60 -5.94 9.79
C LYS A 90 -11.19 -4.59 10.39
N THR A 91 -10.53 -4.59 11.55
CA THR A 91 -10.18 -3.34 12.19
C THR A 91 -8.88 -2.80 11.61
N PRO A 92 -8.85 -1.54 11.17
CA PRO A 92 -7.61 -0.99 10.62
C PRO A 92 -6.46 -1.02 11.61
N THR A 93 -5.27 -1.29 11.08
CA THR A 93 -4.03 -1.13 11.82
C THR A 93 -2.98 -0.47 10.94
N VAL A 94 -1.94 0.06 11.61
CA VAL A 94 -0.78 0.55 10.93
C VAL A 94 0.27 -0.58 10.92
N GLN A 95 0.68 -0.96 9.73
CA GLN A 95 1.70 -1.98 9.52
C GLN A 95 2.95 -1.30 8.96
N THR A 96 4.11 -1.90 9.22
CA THR A 96 5.37 -1.25 8.96
C THR A 96 6.39 -2.20 8.32
N LEU A 97 7.16 -1.63 7.38
CA LEU A 97 8.37 -2.21 6.85
C LEU A 97 9.50 -1.25 7.20
N SER A 98 10.45 -1.69 8.02
CA SER A 98 11.49 -0.83 8.51
C SER A 98 12.79 -1.01 7.73
N ASN A 99 13.53 0.10 7.61
CA ASN A 99 14.88 0.10 7.06
C ASN A 99 14.98 -0.51 5.68
N ILE A 100 14.07 -0.06 4.80
CA ILE A 100 14.02 -0.51 3.43
C ILE A 100 14.92 0.35 2.54
N THR A 101 15.89 -0.28 1.90
CA THR A 101 16.74 0.41 0.94
C THR A 101 16.15 0.34 -0.46
N HIS A 102 16.30 1.44 -1.20
CA HIS A 102 15.74 1.59 -2.52
C HIS A 102 16.55 2.68 -3.28
N ALA A 103 16.28 2.86 -4.56
CA ALA A 103 16.93 3.88 -5.35
C ALA A 103 16.43 5.25 -4.96
N THR A 104 17.27 6.27 -5.21
CA THR A 104 16.90 7.63 -4.95
C THR A 104 16.38 8.29 -6.22
N GLY A 105 16.05 9.56 -6.13
CA GLY A 105 15.43 10.25 -7.24
C GLY A 105 13.95 9.91 -7.34
N ASP A 106 13.39 10.07 -8.53
CA ASP A 106 11.98 9.81 -8.76
C ASP A 106 11.73 8.32 -8.87
N GLN A 107 10.84 7.81 -8.01
CA GLN A 107 10.54 6.39 -8.00
C GLN A 107 9.04 6.18 -7.92
N GLU A 108 8.54 5.24 -8.72
CA GLU A 108 7.16 4.84 -8.60
C GLU A 108 6.97 4.08 -7.31
N ILE A 109 5.91 4.46 -6.58
CA ILE A 109 5.45 3.73 -5.40
C ILE A 109 4.15 3.05 -5.79
N LYS A 110 4.06 1.74 -5.58
CA LYS A 110 2.86 1.01 -5.94
C LYS A 110 2.48 0.07 -4.80
N LEU A 111 1.19 0.00 -4.49
CA LEU A 111 0.64 -1.00 -3.59
C LEU A 111 -0.30 -1.89 -4.41
N ALA A 112 -0.18 -3.20 -4.24
CA ALA A 112 -1.02 -4.19 -4.95
C ALA A 112 -1.15 -5.41 -4.11
N LEU A 113 -2.22 -6.21 -4.23
CA LEU A 113 -2.31 -7.46 -3.49
C LEU A 113 -1.14 -8.38 -3.80
N THR A 114 -0.64 -9.07 -2.78
CA THR A 114 0.42 -10.02 -2.94
C THR A 114 -0.01 -11.24 -3.84
N SER A 115 -1.22 -11.69 -3.64
CA SER A 115 -1.96 -12.77 -4.38
C SER A 115 -3.40 -12.25 -4.98
N ASP A 116 -4.03 -13.12 -5.78
CA ASP A 116 -5.41 -13.00 -6.22
C ASP A 116 -6.32 -13.86 -5.27
N ASP A 117 -5.87 -15.11 -5.05
CA ASP A 117 -6.64 -16.17 -4.41
C ASP A 117 -6.14 -16.54 -3.06
N GLY A 118 -5.04 -16.04 -2.63
CA GLY A 118 -4.41 -16.44 -1.42
C GLY A 118 -5.01 -15.61 -0.39
N THR A 119 -5.49 -14.31 -0.68
CA THR A 119 -5.93 -13.59 0.39
C THR A 119 -7.22 -12.85 0.19
N TRP A 120 -7.75 -12.27 1.25
CA TRP A 120 -8.92 -11.43 1.19
C TRP A 120 -8.53 -10.11 0.53
N ASP A 121 -9.48 -9.19 0.53
CA ASP A 121 -9.28 -7.91 -0.12
C ASP A 121 -8.72 -6.91 0.87
N ALA A 122 -7.92 -5.98 0.34
CA ALA A 122 -7.25 -5.00 1.19
C ALA A 122 -7.87 -3.63 1.01
N TYR A 123 -8.10 -2.98 2.14
CA TYR A 123 -8.46 -1.59 2.19
C TYR A 123 -7.20 -0.82 2.60
N VAL A 124 -6.91 0.26 1.86
N VAL A 124 -6.77 0.18 1.81
CA VAL A 124 -5.67 1.01 2.07
CA VAL A 124 -5.58 0.95 2.11
C VAL A 124 -6.05 2.44 2.36
C VAL A 124 -5.96 2.43 2.33
N ASP A 125 -5.55 2.96 3.48
CA ASP A 125 -5.91 4.33 3.90
C ASP A 125 -4.86 5.35 3.41
N PHE A 126 -3.61 5.10 3.76
CA PHE A 126 -2.51 6.01 3.42
C PHE A 126 -1.20 5.24 3.57
N ILE A 127 -0.15 5.85 3.02
CA ILE A 127 1.23 5.42 3.21
C ILE A 127 2.01 6.57 3.84
N GLU A 128 2.98 6.22 4.68
CA GLU A 128 3.83 7.20 5.32
C GLU A 128 5.28 6.74 5.25
N PHE A 129 6.16 7.61 4.73
CA PHE A 129 7.58 7.40 4.71
C PHE A 129 8.25 8.23 5.77
N SER A 130 9.25 7.65 6.44
CA SER A 130 10.03 8.37 7.40
C SER A 130 11.46 7.85 7.37
N LEU A 131 12.38 8.59 7.94
CA LEU A 131 13.75 8.18 7.97
C LEU A 131 14.09 7.38 9.17
#